data_8QV8
#
_entry.id   8QV8
#
loop_
_entity.id
_entity.type
_entity.pdbx_description
1 polymer 'Lysozyme C'
2 polymer 'Unidentified peptide'
3 polymer 'Unidentified peptide'
#
loop_
_entity_poly.entity_id
_entity_poly.type
_entity_poly.pdbx_seq_one_letter_code
_entity_poly.pdbx_strand_id
1 'polypeptide(L)'
;KVFGRCELAAAMKRHGLDNYRGYSLGNWVCAAKFESNFNTQATNRNTDGSTDYGILQINSRWWCNDGRTPGSRNLCNIPC
SALLSSDITASVNCAKKIVSDGNGMNAWVAWRNRCKGTDVQAWIRGCRL
;
A,C,E,G,I
2 'polypeptide(L)' (UNK)(UNK)(UNK)(UNK)(UNK)(UNK)(UNK)(UNK)(UNK) B,D,F,H,J
3 'polypeptide(L)' (UNK)(UNK)(UNK)(UNK)(UNK)(UNK)(UNK)(UNK) K,L,M,N,O
#
# COMPACT_ATOMS: atom_id res chain seq x y z
N GLY A 26 22.56 -19.44 -10.81
CA GLY A 26 22.78 -18.13 -11.40
C GLY A 26 21.86 -17.06 -10.85
N ASN A 27 22.28 -15.81 -10.99
CA ASN A 27 21.55 -14.70 -10.37
C ASN A 27 20.25 -14.42 -11.12
N TRP A 28 19.31 -13.82 -10.41
CA TRP A 28 17.95 -13.63 -10.89
C TRP A 28 17.50 -12.20 -10.62
N VAL A 29 16.85 -11.58 -11.61
CA VAL A 29 16.06 -10.37 -11.43
C VAL A 29 14.60 -10.70 -11.73
N CYS A 30 13.71 -10.35 -10.81
CA CYS A 30 12.29 -10.63 -10.97
C CYS A 30 11.46 -9.39 -10.67
N ALA A 31 10.51 -9.10 -11.54
CA ALA A 31 9.50 -8.06 -11.34
C ALA A 31 10.08 -6.71 -10.97
N ALA A 32 11.36 -6.47 -11.26
CA ALA A 32 11.97 -5.20 -10.90
C ALA A 32 11.56 -4.13 -11.91
N LYS A 33 11.19 -2.96 -11.40
CA LYS A 33 10.92 -1.78 -12.23
C LYS A 33 12.13 -0.86 -12.22
N PHE A 34 12.69 -0.61 -13.40
CA PHE A 34 13.80 0.32 -13.56
C PHE A 34 13.35 1.54 -14.36
N GLU A 35 13.65 2.73 -13.85
CA GLU A 35 13.46 3.96 -14.61
C GLU A 35 14.71 4.83 -14.48
N SER A 36 15.13 5.44 -15.58
CA SER A 36 16.18 6.45 -15.59
C SER A 36 15.77 7.61 -16.47
N ASN A 37 16.01 8.83 -15.99
CA ASN A 37 15.78 10.04 -16.77
C ASN A 37 17.04 10.89 -16.74
N PHE A 38 17.47 11.36 -17.91
CA PHE A 38 18.72 12.10 -18.04
C PHE A 38 18.51 13.31 -18.93
N ASN A 39 18.98 14.47 -18.48
CA ASN A 39 18.88 15.73 -19.22
C ASN A 39 17.45 16.08 -19.61
N THR A 40 16.47 15.43 -18.98
CA THR A 40 15.07 15.67 -19.33
C THR A 40 14.69 17.12 -19.10
N GLN A 41 13.88 17.66 -20.02
CA GLN A 41 13.32 19.00 -19.86
C GLN A 41 11.82 18.99 -20.04
N ALA A 42 11.19 20.06 -19.55
CA ALA A 42 9.79 20.42 -19.82
C ALA A 42 8.88 19.19 -19.93
N THR A 43 8.80 18.46 -18.83
CA THR A 43 8.19 17.14 -18.81
C THR A 43 7.04 17.07 -17.81
N ASN A 44 5.91 16.57 -18.27
CA ASN A 44 4.80 16.22 -17.38
C ASN A 44 4.66 14.71 -17.41
N ARG A 45 4.42 14.11 -16.24
CA ARG A 45 3.88 12.77 -16.16
C ARG A 45 2.64 12.76 -15.29
N ASN A 46 1.58 12.15 -15.80
CA ASN A 46 0.31 12.05 -15.10
C ASN A 46 -0.11 10.59 -15.05
N THR A 47 -0.90 10.24 -14.03
CA THR A 47 -1.27 8.84 -13.81
C THR A 47 -2.50 8.80 -12.93
N ASP A 48 -3.62 8.39 -13.50
CA ASP A 48 -4.84 8.11 -12.75
C ASP A 48 -5.12 6.62 -12.74
N GLY A 49 -5.20 6.03 -11.55
CA GLY A 49 -5.73 4.68 -11.42
C GLY A 49 -4.95 3.58 -12.11
N SER A 50 -3.68 3.80 -12.43
CA SER A 50 -2.88 2.72 -12.99
C SER A 50 -2.49 1.73 -11.89
N THR A 51 -2.00 0.57 -12.31
CA THR A 51 -1.50 -0.44 -11.39
C THR A 51 -0.28 -1.11 -12.02
N ASP A 52 0.70 -1.46 -11.18
CA ASP A 52 1.75 -2.38 -11.57
C ASP A 52 1.85 -3.54 -10.58
N TYR A 53 2.14 -4.73 -11.10
CA TYR A 53 2.39 -5.91 -10.27
C TYR A 53 1.26 -6.16 -9.28
N GLY A 54 0.02 -5.97 -9.73
CA GLY A 54 -1.10 -5.89 -8.81
C GLY A 54 -1.17 -7.03 -7.81
N ILE A 55 -1.04 -8.27 -8.29
CA ILE A 55 -0.85 -9.42 -7.42
C ILE A 55 0.39 -10.19 -7.87
N LEU A 56 1.30 -10.44 -6.94
CA LEU A 56 2.54 -11.14 -7.25
C LEU A 56 2.75 -12.26 -6.25
N GLN A 57 2.99 -13.47 -6.74
CA GLN A 57 3.16 -14.65 -5.89
C GLN A 57 4.36 -15.44 -6.40
N ILE A 58 5.25 -15.85 -5.51
CA ILE A 58 6.45 -16.57 -5.90
C ILE A 58 6.66 -17.72 -4.92
N ASN A 59 7.08 -18.87 -5.45
CA ASN A 59 7.76 -19.90 -4.68
C ASN A 59 9.15 -20.09 -5.25
N SER A 60 10.11 -20.41 -4.39
CA SER A 60 11.50 -20.48 -4.79
C SER A 60 12.25 -21.42 -3.86
N ARG A 61 12.91 -22.42 -4.43
CA ARG A 61 13.79 -23.30 -3.68
C ARG A 61 15.13 -23.37 -4.39
N TRP A 62 16.21 -23.34 -3.60
CA TRP A 62 17.56 -23.37 -4.14
C TRP A 62 18.40 -24.36 -3.35
N TRP A 63 19.24 -25.12 -4.06
CA TRP A 63 20.18 -26.05 -3.46
C TRP A 63 19.52 -27.07 -2.54
N CYS A 64 18.20 -27.23 -2.60
CA CYS A 64 17.48 -27.95 -1.57
C CYS A 64 17.46 -29.45 -1.86
N ASN A 65 17.62 -30.24 -0.81
CA ASN A 65 17.40 -31.68 -0.86
C ASN A 65 16.06 -31.99 -0.19
N ASP A 66 15.09 -32.45 -0.97
CA ASP A 66 13.73 -32.56 -0.50
C ASP A 66 13.57 -33.84 0.34
N PRO A 70 6.31 -31.27 1.49
CA PRO A 70 4.86 -31.05 1.43
C PRO A 70 4.50 -29.74 0.76
N GLY A 71 5.52 -28.98 0.36
CA GLY A 71 5.36 -27.90 -0.59
C GLY A 71 4.78 -26.62 -0.04
N SER A 72 5.48 -25.52 -0.30
CA SER A 72 4.97 -24.19 -0.01
C SER A 72 3.75 -23.86 -0.88
N ARG A 73 2.81 -23.11 -0.31
CA ARG A 73 1.58 -22.77 -0.99
C ARG A 73 1.31 -21.29 -0.80
N ASN A 74 0.84 -20.63 -1.86
CA ASN A 74 0.27 -19.30 -1.78
C ASN A 74 -1.18 -19.32 -2.25
N LEU A 75 -2.06 -18.69 -1.49
CA LEU A 75 -3.43 -18.43 -1.92
C LEU A 75 -3.68 -16.93 -1.92
N CYS A 76 -4.64 -16.51 -2.73
CA CYS A 76 -5.09 -15.12 -2.74
C CYS A 76 -6.54 -15.10 -3.23
N ASN A 77 -7.46 -14.73 -2.34
CA ASN A 77 -8.88 -14.63 -2.69
C ASN A 77 -9.29 -13.16 -2.66
N ILE A 78 -9.90 -12.70 -3.76
CA ILE A 78 -10.60 -11.43 -3.75
C ILE A 78 -12.05 -11.66 -4.11
N PRO A 79 -12.89 -12.15 -3.19
CA PRO A 79 -14.32 -12.29 -3.49
C PRO A 79 -15.04 -10.96 -3.35
N CYS A 80 -15.85 -10.63 -4.35
CA CYS A 80 -16.95 -9.67 -4.20
C CYS A 80 -18.28 -10.40 -4.25
N SER A 81 -19.10 -10.21 -3.23
CA SER A 81 -20.51 -10.57 -3.27
C SER A 81 -21.36 -9.32 -3.13
N ALA A 82 -22.24 -9.09 -4.10
CA ALA A 82 -23.14 -7.94 -4.04
C ALA A 82 -24.55 -8.42 -4.35
N LEU A 83 -25.50 -8.05 -3.50
CA LEU A 83 -26.89 -8.48 -3.67
C LEU A 83 -27.81 -7.28 -3.48
N LEU A 84 -28.71 -7.08 -4.44
CA LEU A 84 -29.56 -5.89 -4.47
C LEU A 84 -28.76 -4.60 -4.31
N SER A 85 -27.52 -4.59 -4.76
CA SER A 85 -26.56 -3.61 -4.30
C SER A 85 -25.86 -2.95 -5.49
N SER A 86 -25.18 -1.84 -5.21
CA SER A 86 -24.69 -0.94 -6.25
C SER A 86 -23.27 -0.46 -5.99
N ASP A 87 -22.50 -0.34 -7.07
CA ASP A 87 -21.20 0.35 -7.09
C ASP A 87 -20.19 -0.26 -6.12
N ILE A 88 -20.32 -1.53 -5.81
CA ILE A 88 -19.36 -2.21 -4.95
C ILE A 88 -18.09 -2.52 -5.73
N THR A 89 -16.96 -2.54 -5.02
CA THR A 89 -15.72 -3.00 -5.63
C THR A 89 -14.93 -3.84 -4.64
N ALA A 90 -14.38 -4.96 -5.12
CA ALA A 90 -13.27 -5.65 -4.47
C ALA A 90 -12.09 -5.64 -5.44
N SER A 91 -10.99 -4.99 -5.06
CA SER A 91 -9.90 -4.81 -6.00
C SER A 91 -8.62 -4.51 -5.24
N VAL A 92 -7.49 -4.71 -5.92
CA VAL A 92 -6.24 -4.18 -5.39
C VAL A 92 -6.23 -2.66 -5.40
N ASN A 93 -6.70 -2.06 -6.49
CA ASN A 93 -6.78 -0.63 -6.62
C ASN A 93 -8.19 -0.22 -7.04
N CYS A 94 -8.62 0.94 -6.54
CA CYS A 94 -9.93 1.50 -6.90
C CYS A 94 -9.82 3.01 -6.85
N ALA A 95 -10.04 3.67 -7.98
CA ALA A 95 -10.01 5.12 -8.04
C ALA A 95 -11.30 5.62 -8.68
N LYS A 96 -11.96 6.56 -8.01
CA LYS A 96 -13.16 7.20 -8.52
C LYS A 96 -12.91 8.71 -8.51
N LYS A 97 -13.09 9.34 -9.66
CA LYS A 97 -12.68 10.73 -9.80
C LYS A 97 -13.72 11.49 -10.61
N ILE A 98 -14.04 12.70 -10.16
CA ILE A 98 -14.99 13.58 -10.82
C ILE A 98 -14.33 14.94 -11.00
N VAL A 99 -14.40 15.48 -12.21
CA VAL A 99 -13.80 16.77 -12.54
C VAL A 99 -14.84 17.60 -13.29
N SER A 100 -15.00 18.86 -12.89
CA SER A 100 -15.90 19.77 -13.58
C SER A 100 -15.16 21.00 -14.08
N UNK B 1 -37.56 -12.90 -1.78
CA UNK B 1 -36.51 -13.75 -1.23
C UNK B 1 -35.37 -13.93 -2.23
N UNK B 2 -34.13 -13.81 -1.74
CA UNK B 2 -32.96 -14.12 -2.53
C UNK B 2 -31.83 -14.54 -1.60
N UNK B 3 -30.93 -15.38 -2.10
CA UNK B 3 -29.79 -15.84 -1.32
C UNK B 3 -28.64 -16.18 -2.24
N UNK B 4 -27.49 -15.55 -1.99
CA UNK B 4 -26.25 -15.84 -2.70
C UNK B 4 -25.31 -16.60 -1.78
N UNK B 5 -24.63 -17.61 -2.33
CA UNK B 5 -23.74 -18.46 -1.56
C UNK B 5 -22.40 -18.57 -2.28
N UNK B 6 -21.32 -18.42 -1.52
CA UNK B 6 -19.97 -18.60 -2.04
C UNK B 6 -19.17 -19.45 -1.07
N UNK B 7 -18.42 -20.41 -1.61
CA UNK B 7 -17.60 -21.30 -0.79
C UNK B 7 -16.25 -21.51 -1.46
N UNK B 8 -15.20 -21.52 -0.64
CA UNK B 8 -13.87 -21.88 -1.10
C UNK B 8 -13.21 -22.77 -0.05
N UNK B 9 -12.49 -23.78 -0.51
CA UNK B 9 -11.82 -24.71 0.39
C UNK B 9 -10.41 -25.03 -0.09
N GLY C 26 23.14 -18.09 -6.04
CA GLY C 26 23.28 -16.83 -6.74
C GLY C 26 22.32 -15.77 -6.26
N ASN C 27 22.71 -14.51 -6.43
CA ASN C 27 21.97 -13.40 -5.84
C ASN C 27 20.63 -13.19 -6.55
N TRP C 28 19.70 -12.56 -5.84
CA TRP C 28 18.35 -12.35 -6.33
C TRP C 28 17.95 -10.90 -6.11
N VAL C 29 17.29 -10.30 -7.10
CA VAL C 29 16.55 -9.06 -6.94
C VAL C 29 15.08 -9.34 -7.24
N CYS C 30 14.20 -8.96 -6.33
CA CYS C 30 12.77 -9.18 -6.50
C CYS C 30 11.99 -7.92 -6.15
N ALA C 31 11.04 -7.58 -7.01
CA ALA C 31 10.08 -6.49 -6.76
C ALA C 31 10.74 -5.17 -6.40
N ALA C 32 12.01 -4.99 -6.71
CA ALA C 32 12.68 -3.74 -6.39
C ALA C 32 12.30 -2.68 -7.42
N LYS C 33 11.95 -1.49 -6.93
CA LYS C 33 11.69 -0.33 -7.77
C LYS C 33 12.90 0.60 -7.73
N PHE C 34 13.51 0.83 -8.89
CA PHE C 34 14.62 1.76 -9.04
C PHE C 34 14.20 2.95 -9.87
N GLU C 35 14.50 4.15 -9.39
CA GLU C 35 14.33 5.37 -10.16
C GLU C 35 15.59 6.21 -10.05
N SER C 36 16.00 6.79 -11.18
CA SER C 36 17.08 7.78 -11.19
C SER C 36 16.68 8.98 -12.02
N ASN C 37 16.99 10.17 -11.51
CA ASN C 37 16.77 11.41 -12.25
C ASN C 37 18.06 12.20 -12.26
N PHE C 38 18.49 12.66 -13.44
CA PHE C 38 19.75 13.36 -13.59
C PHE C 38 19.54 14.60 -14.45
N ASN C 39 20.03 15.74 -13.99
CA ASN C 39 19.95 17.02 -14.71
C ASN C 39 18.52 17.39 -15.10
N THR C 40 17.52 16.72 -14.54
CA THR C 40 16.14 17.01 -14.84
C THR C 40 15.79 18.48 -14.59
N GLN C 41 15.00 19.06 -15.50
CA GLN C 41 14.50 20.41 -15.35
C GLN C 41 12.99 20.44 -15.59
N ALA C 42 12.37 21.52 -15.09
CA ALA C 42 10.98 21.90 -15.37
C ALA C 42 10.05 20.69 -15.45
N THR C 43 9.96 19.98 -14.34
CA THR C 43 9.35 18.66 -14.31
C THR C 43 8.17 18.63 -13.34
N ASN C 44 7.03 18.15 -13.81
CA ASN C 44 5.90 17.81 -12.95
C ASN C 44 5.74 16.31 -12.97
N ARG C 45 5.47 15.73 -11.81
CA ARG C 45 4.91 14.39 -11.73
C ARG C 45 3.66 14.40 -10.87
N ASN C 46 2.59 13.81 -11.40
CA ASN C 46 1.31 13.74 -10.71
C ASN C 46 0.86 12.29 -10.69
N THR C 47 0.07 11.95 -9.67
CA THR C 47 -0.34 10.56 -9.48
C THR C 47 -1.58 10.54 -8.58
N ASP C 48 -2.70 10.13 -9.14
CA ASP C 48 -3.92 9.87 -8.39
C ASP C 48 -4.23 8.39 -8.38
N GLY C 49 -4.30 7.79 -7.19
CA GLY C 49 -4.84 6.45 -7.05
C GLY C 49 -4.09 5.35 -7.77
N SER C 50 -2.82 5.56 -8.09
CA SER C 50 -2.03 4.46 -8.62
C SER C 50 -1.66 3.47 -7.51
N THR C 51 -1.21 2.29 -7.91
CA THR C 51 -0.74 1.27 -6.99
C THR C 51 0.45 0.56 -7.62
N ASP C 52 1.44 0.21 -6.81
CA ASP C 52 2.45 -0.75 -7.20
C ASP C 52 2.54 -1.88 -6.18
N TYR C 53 2.81 -3.09 -6.67
CA TYR C 53 3.05 -4.26 -5.82
C TYR C 53 1.92 -4.47 -4.81
N GLY C 54 0.69 -4.26 -5.26
CA GLY C 54 -0.43 -4.14 -4.33
C GLY C 54 -0.54 -5.29 -3.35
N ILE C 55 -0.42 -6.52 -3.83
CA ILE C 55 -0.27 -7.69 -2.97
C ILE C 55 0.95 -8.49 -3.41
N LEU C 56 1.85 -8.79 -2.48
CA LEU C 56 3.07 -9.51 -2.79
C LEU C 56 3.26 -10.64 -1.80
N GLN C 57 3.48 -11.85 -2.31
CA GLN C 57 3.59 -13.05 -1.49
C GLN C 57 4.80 -13.84 -1.93
N ILE C 58 5.64 -14.25 -0.99
CA ILE C 58 6.85 -15.01 -1.31
C ILE C 58 6.98 -16.16 -0.33
N ASN C 59 7.39 -17.31 -0.83
CA ASN C 59 8.05 -18.35 -0.04
C ASN C 59 9.43 -18.61 -0.64
N SER C 60 10.38 -18.93 0.23
CA SER C 60 11.76 -19.08 -0.20
C SER C 60 12.50 -20.01 0.73
N ARG C 61 13.18 -21.01 0.18
CA ARG C 61 14.04 -21.87 0.95
C ARG C 61 15.39 -21.97 0.25
N TRP C 62 16.46 -21.93 1.04
CA TRP C 62 17.82 -21.99 0.51
C TRP C 62 18.65 -23.00 1.29
N TRP C 63 19.48 -23.75 0.57
CA TRP C 63 20.42 -24.70 1.18
C TRP C 63 19.74 -25.72 2.09
N CYS C 64 18.44 -25.95 1.94
CA CYS C 64 17.68 -26.61 2.99
C CYS C 64 17.59 -28.10 2.73
N ASN C 65 17.75 -28.89 3.78
CA ASN C 65 17.49 -30.32 3.78
C ASN C 65 16.14 -30.58 4.43
N ASP C 66 15.17 -31.04 3.64
CA ASP C 66 13.79 -31.11 4.10
C ASP C 66 13.60 -32.37 4.93
N PRO C 70 6.25 -29.60 6.03
CA PRO C 70 4.83 -29.28 6.01
C PRO C 70 4.54 -27.96 5.30
N GLY C 71 5.61 -27.25 4.94
CA GLY C 71 5.53 -26.20 3.95
C GLY C 71 4.94 -24.88 4.42
N SER C 72 5.68 -23.80 4.17
CA SER C 72 5.22 -22.46 4.48
C SER C 72 4.04 -22.08 3.61
N ARG C 73 3.12 -21.29 4.17
CA ARG C 73 1.90 -20.90 3.48
C ARG C 73 1.68 -19.42 3.67
N ASN C 74 1.19 -18.75 2.63
CA ASN C 74 0.64 -17.42 2.71
C ASN C 74 -0.80 -17.43 2.23
N LEU C 75 -1.70 -16.81 2.98
CA LEU C 75 -3.06 -16.57 2.54
C LEU C 75 -3.32 -15.07 2.50
N CYS C 76 -4.24 -14.66 1.64
CA CYS C 76 -4.67 -13.25 1.59
C CYS C 76 -6.11 -13.22 1.09
N ASN C 77 -7.03 -12.84 1.97
CA ASN C 77 -8.44 -12.73 1.64
C ASN C 77 -8.84 -11.27 1.70
N ILE C 78 -9.44 -10.77 0.62
CA ILE C 78 -10.13 -9.48 0.69
C ILE C 78 -11.59 -9.69 0.32
N PRO C 79 -12.43 -10.20 1.23
CA PRO C 79 -13.86 -10.31 0.94
C PRO C 79 -14.54 -8.97 1.07
N CYS C 80 -15.37 -8.62 0.08
CA CYS C 80 -16.43 -7.63 0.25
C CYS C 80 -17.78 -8.32 0.14
N SER C 81 -18.60 -8.18 1.17
CA SER C 81 -20.02 -8.52 1.09
C SER C 81 -20.83 -7.26 1.30
N ALA C 82 -21.69 -6.94 0.33
CA ALA C 82 -22.55 -5.76 0.41
C ALA C 82 -23.97 -6.18 0.07
N LEU C 83 -24.93 -5.77 0.90
CA LEU C 83 -26.31 -6.18 0.71
C LEU C 83 -27.24 -4.98 0.84
N LEU C 84 -28.12 -4.79 -0.14
CA LEU C 84 -28.95 -3.60 -0.23
C LEU C 84 -28.16 -2.31 -0.09
N SER C 85 -26.90 -2.30 -0.53
CA SER C 85 -25.96 -1.30 -0.07
C SER C 85 -25.22 -0.68 -1.24
N SER C 86 -24.54 0.44 -0.97
CA SER C 86 -24.03 1.33 -2.01
C SER C 86 -22.60 1.78 -1.76
N ASP C 87 -21.83 1.87 -2.86
CA ASP C 87 -20.52 2.51 -2.89
C ASP C 87 -19.53 1.91 -1.89
N ILE C 88 -19.69 0.65 -1.58
CA ILE C 88 -18.76 -0.04 -0.70
C ILE C 88 -17.47 -0.37 -1.45
N THR C 89 -16.35 -0.44 -0.73
CA THR C 89 -15.11 -0.90 -1.31
C THR C 89 -14.36 -1.75 -0.29
N ALA C 90 -13.83 -2.88 -0.75
CA ALA C 90 -12.76 -3.60 -0.07
C ALA C 90 -11.55 -3.63 -0.98
N SER C 91 -10.44 -3.04 -0.55
CA SER C 91 -9.32 -2.88 -1.48
C SER C 91 -8.02 -2.66 -0.73
N VAL C 92 -6.91 -2.90 -1.42
CA VAL C 92 -5.63 -2.41 -0.93
C VAL C 92 -5.58 -0.90 -0.95
N ASN C 93 -6.04 -0.29 -2.04
CA ASN C 93 -6.07 1.16 -2.18
C ASN C 93 -7.46 1.60 -2.61
N CYS C 94 -7.87 2.76 -2.11
CA CYS C 94 -9.15 3.36 -2.48
C CYS C 94 -9.01 4.86 -2.42
N ALA C 95 -9.23 5.53 -3.55
CA ALA C 95 -9.16 6.99 -3.59
C ALA C 95 -10.42 7.53 -4.26
N LYS C 96 -11.06 8.49 -3.61
CA LYS C 96 -12.24 9.16 -4.13
C LYS C 96 -11.95 10.65 -4.17
N LYS C 97 -12.11 11.25 -5.34
CA LYS C 97 -11.67 12.63 -5.54
C LYS C 97 -12.72 13.38 -6.34
N ILE C 98 -13.02 14.60 -5.90
CA ILE C 98 -13.95 15.50 -6.58
C ILE C 98 -13.27 16.86 -6.72
N VAL C 99 -13.30 17.42 -7.93
CA VAL C 99 -12.68 18.70 -8.21
C VAL C 99 -13.67 19.57 -8.97
N SER C 100 -13.84 20.81 -8.54
CA SER C 100 -14.65 21.77 -9.26
C SER C 100 -13.83 23.00 -9.64
N UNK D 1 -36.85 -9.55 1.75
CA UNK D 1 -36.04 -10.44 2.55
C UNK D 1 -34.92 -11.06 1.73
N UNK D 2 -33.71 -11.08 2.28
CA UNK D 2 -32.57 -11.67 1.58
C UNK D 2 -31.52 -12.07 2.62
N UNK D 3 -30.67 -13.02 2.21
CA UNK D 3 -29.59 -13.47 3.08
C UNK D 3 -28.41 -13.90 2.23
N UNK D 4 -27.24 -13.31 2.47
CA UNK D 4 -26.03 -13.64 1.74
C UNK D 4 -25.07 -14.39 2.65
N UNK D 5 -24.39 -15.40 2.10
CA UNK D 5 -23.46 -16.22 2.86
C UNK D 5 -22.18 -16.40 2.07
N UNK D 6 -21.04 -16.22 2.74
CA UNK D 6 -19.73 -16.45 2.16
C UNK D 6 -18.90 -17.27 3.14
N UNK D 7 -18.18 -18.26 2.61
CA UNK D 7 -17.38 -19.15 3.45
C UNK D 7 -16.02 -19.38 2.82
N UNK D 8 -14.99 -19.44 3.66
CA UNK D 8 -13.65 -19.81 3.23
C UNK D 8 -13.05 -20.75 4.25
N UNK D 9 -12.30 -21.74 3.77
CA UNK D 9 -11.74 -22.77 4.64
C UNK D 9 -10.28 -23.05 4.27
N GLY E 26 23.30 -16.95 -1.50
CA GLY E 26 23.58 -15.65 -2.09
C GLY E 26 22.67 -14.56 -1.60
N ASN E 27 23.11 -13.31 -1.78
CA ASN E 27 22.41 -12.18 -1.21
C ASN E 27 21.12 -11.89 -1.97
N TRP E 28 20.19 -11.23 -1.29
CA TRP E 28 18.84 -11.00 -1.80
C TRP E 28 18.46 -9.55 -1.55
N VAL E 29 17.82 -8.93 -2.54
CA VAL E 29 17.11 -7.67 -2.38
C VAL E 29 15.64 -7.90 -2.70
N CYS E 30 14.76 -7.49 -1.80
CA CYS E 30 13.32 -7.71 -1.96
C CYS E 30 12.56 -6.44 -1.61
N ALA E 31 11.62 -6.07 -2.47
CA ALA E 31 10.70 -4.95 -2.24
C ALA E 31 11.41 -3.66 -1.86
N ALA E 32 12.69 -3.53 -2.15
CA ALA E 32 13.39 -2.28 -1.85
C ALA E 32 13.03 -1.24 -2.89
N LYS E 33 12.70 -0.04 -2.41
CA LYS E 33 12.48 1.12 -3.27
C LYS E 33 13.70 2.03 -3.21
N PHE E 34 14.31 2.28 -4.37
CA PHE E 34 15.43 3.21 -4.49
C PHE E 34 15.04 4.39 -5.36
N GLU E 35 15.34 5.60 -4.90
CA GLU E 35 15.20 6.79 -5.71
C GLU E 35 16.46 7.63 -5.58
N SER E 36 16.92 8.19 -6.70
CA SER E 36 18.03 9.13 -6.71
C SER E 36 17.69 10.33 -7.58
N ASN E 37 18.01 11.52 -7.09
CA ASN E 37 17.82 12.75 -7.84
C ASN E 37 19.12 13.53 -7.82
N PHE E 38 19.55 14.02 -8.99
CA PHE E 38 20.84 14.70 -9.11
C PHE E 38 20.68 15.92 -10.00
N ASN E 39 21.20 17.05 -9.54
CA ASN E 39 21.14 18.33 -10.25
C ASN E 39 19.71 18.74 -10.60
N THR E 40 18.71 18.10 -10.02
CA THR E 40 17.32 18.39 -10.32
C THR E 40 17.00 19.87 -10.10
N GLN E 41 16.19 20.44 -11.00
CA GLN E 41 15.71 21.81 -10.84
C GLN E 41 14.20 21.84 -11.08
N ALA E 42 13.59 22.94 -10.63
CA ALA E 42 12.22 23.35 -10.95
C ALA E 42 11.27 22.16 -11.04
N THR E 43 11.14 21.46 -9.93
CA THR E 43 10.47 20.17 -9.89
C THR E 43 9.28 20.20 -8.96
N ASN E 44 8.15 19.69 -9.42
CA ASN E 44 7.01 19.40 -8.58
C ASN E 44 6.80 17.90 -8.56
N ARG E 45 6.43 17.35 -7.41
CA ARG E 45 5.90 16.01 -7.31
C ARG E 45 4.63 16.03 -6.47
N ASN E 46 3.58 15.43 -6.98
CA ASN E 46 2.29 15.34 -6.30
C ASN E 46 1.88 13.89 -6.23
N THR E 47 1.11 13.55 -5.20
CA THR E 47 0.70 12.16 -5.00
C THR E 47 -0.55 12.14 -4.14
N ASP E 48 -1.69 11.79 -4.74
CA ASP E 48 -2.94 11.58 -4.03
C ASP E 48 -3.28 10.09 -4.02
N GLY E 49 -3.43 9.52 -2.85
CA GLY E 49 -3.99 8.18 -2.72
C GLY E 49 -3.24 7.07 -3.41
N SER E 50 -1.97 7.25 -3.73
CA SER E 50 -1.18 6.14 -4.26
C SER E 50 -0.83 5.17 -3.14
N THR E 51 -0.40 3.97 -3.54
CA THR E 51 0.03 2.96 -2.59
C THR E 51 1.21 2.20 -3.19
N ASP E 52 2.16 1.82 -2.33
CA ASP E 52 3.20 0.88 -2.71
C ASP E 52 3.27 -0.26 -1.70
N TYR E 53 3.48 -1.47 -2.21
CA TYR E 53 3.67 -2.65 -1.37
C TYR E 53 2.54 -2.84 -0.36
N GLY E 54 1.31 -2.57 -0.81
CA GLY E 54 0.21 -2.40 0.12
C GLY E 54 0.06 -3.54 1.12
N ILE E 55 0.13 -4.78 0.65
CA ILE E 55 0.27 -5.94 1.52
C ILE E 55 1.43 -6.78 1.04
N LEU E 56 2.36 -7.11 1.94
CA LEU E 56 3.55 -7.86 1.59
C LEU E 56 3.77 -8.97 2.61
N GLN E 57 3.97 -10.19 2.14
CA GLN E 57 4.06 -11.35 3.01
C GLN E 57 5.22 -12.22 2.55
N ILE E 58 6.08 -12.63 3.47
CA ILE E 58 7.29 -13.37 3.14
C ILE E 58 7.45 -14.53 4.11
N ASN E 59 7.87 -15.68 3.59
CA ASN E 59 8.48 -16.73 4.39
C ASN E 59 9.87 -17.03 3.84
N SER E 60 10.78 -17.41 4.73
CA SER E 60 12.16 -17.57 4.33
C SER E 60 12.85 -18.53 5.28
N ARG E 61 13.50 -19.56 4.73
CA ARG E 61 14.30 -20.48 5.51
C ARG E 61 15.67 -20.58 4.85
N TRP E 62 16.72 -20.59 5.67
CA TRP E 62 18.09 -20.64 5.18
C TRP E 62 18.90 -21.66 5.96
N TRP E 63 19.71 -22.42 5.24
CA TRP E 63 20.63 -23.40 5.84
C TRP E 63 19.92 -24.41 6.74
N CYS E 64 18.60 -24.55 6.62
CA CYS E 64 17.82 -25.23 7.65
C CYS E 64 17.76 -26.72 7.37
N ASN E 65 17.87 -27.51 8.45
CA ASN E 65 17.59 -28.94 8.41
C ASN E 65 16.23 -29.18 9.07
N ASP E 66 15.25 -29.59 8.29
CA ASP E 66 13.88 -29.67 8.78
C ASP E 66 13.70 -30.94 9.59
N PRO E 70 6.50 -28.00 10.62
CA PRO E 70 5.07 -27.66 10.67
C PRO E 70 4.77 -26.33 9.97
N GLY E 71 5.82 -25.64 9.56
CA GLY E 71 5.71 -24.61 8.54
C GLY E 71 5.17 -23.28 9.03
N SER E 72 5.92 -22.22 8.73
CA SER E 72 5.49 -20.86 9.03
C SER E 72 4.29 -20.48 8.18
N ARG E 73 3.41 -19.67 8.75
CA ARG E 73 2.18 -19.25 8.10
C ARG E 73 1.99 -17.75 8.29
N ASN E 74 1.53 -17.09 7.24
CA ASN E 74 1.00 -15.74 7.32
C ASN E 74 -0.46 -15.73 6.86
N LEU E 75 -1.29 -15.00 7.58
CA LEU E 75 -2.66 -14.74 7.13
C LEU E 75 -2.88 -13.24 7.02
N CYS E 76 -3.80 -12.86 6.14
CA CYS E 76 -4.19 -11.46 6.04
C CYS E 76 -5.62 -11.42 5.53
N ASN E 77 -6.55 -11.01 6.40
CA ASN E 77 -7.96 -10.88 6.05
C ASN E 77 -8.32 -9.41 6.10
N ILE E 78 -8.88 -8.90 5.00
CA ILE E 78 -9.59 -7.62 5.10
C ILE E 78 -11.03 -7.83 4.67
N PRO E 79 -11.94 -8.11 5.61
CA PRO E 79 -13.36 -8.20 5.25
C PRO E 79 -14.04 -6.84 5.38
N CYS E 80 -14.87 -6.52 4.39
CA CYS E 80 -15.92 -5.53 4.56
C CYS E 80 -17.27 -6.21 4.47
N SER E 81 -18.12 -6.00 5.48
CA SER E 81 -19.53 -6.34 5.40
C SER E 81 -20.34 -5.06 5.55
N ALA E 82 -21.20 -4.78 4.57
CA ALA E 82 -22.08 -3.62 4.62
C ALA E 82 -23.49 -4.06 4.29
N LEU E 83 -24.44 -3.64 5.11
CA LEU E 83 -25.84 -3.99 4.91
C LEU E 83 -26.71 -2.75 5.08
N LEU E 84 -27.58 -2.50 4.10
CA LEU E 84 -28.37 -1.28 4.05
C LEU E 84 -27.52 -0.03 4.25
N SER E 85 -26.28 -0.05 3.76
CA SER E 85 -25.28 0.89 4.24
C SER E 85 -24.54 1.52 3.06
N SER E 86 -23.84 2.62 3.34
CA SER E 86 -23.32 3.49 2.28
C SER E 86 -21.88 3.94 2.53
N ASP E 87 -21.12 4.02 1.44
CA ASP E 87 -19.79 4.63 1.41
C ASP E 87 -18.81 4.01 2.40
N ILE E 88 -18.96 2.74 2.69
CA ILE E 88 -18.06 2.04 3.60
C ILE E 88 -16.78 1.66 2.86
N THR E 89 -15.68 1.57 3.59
CA THR E 89 -14.42 1.11 3.02
C THR E 89 -13.68 0.27 4.04
N ALA E 90 -13.14 -0.87 3.57
CA ALA E 90 -12.11 -1.63 4.28
C ALA E 90 -10.89 -1.69 3.39
N SER E 91 -9.79 -1.06 3.81
CA SER E 91 -8.68 -0.89 2.88
C SER E 91 -7.39 -0.67 3.64
N VAL E 92 -6.27 -1.03 3.01
CA VAL E 92 -4.98 -0.56 3.50
C VAL E 92 -4.91 0.95 3.44
N ASN E 93 -5.35 1.54 2.34
CA ASN E 93 -5.34 3.00 2.18
C ASN E 93 -6.73 3.48 1.77
N CYS E 94 -7.11 4.64 2.27
CA CYS E 94 -8.37 5.27 1.91
C CYS E 94 -8.17 6.78 1.91
N ALA E 95 -8.40 7.42 0.78
CA ALA E 95 -8.26 8.87 0.68
C ALA E 95 -9.52 9.45 0.04
N LYS E 96 -10.06 10.49 0.67
CA LYS E 96 -11.23 11.19 0.17
C LYS E 96 -10.89 12.66 0.08
N LYS E 97 -11.15 13.27 -1.07
CA LYS E 97 -10.70 14.63 -1.32
C LYS E 97 -11.75 15.40 -2.11
N ILE E 98 -12.02 16.63 -1.67
CA ILE E 98 -12.94 17.53 -2.35
C ILE E 98 -12.24 18.87 -2.50
N VAL E 99 -12.31 19.44 -3.70
CA VAL E 99 -11.64 20.70 -4.01
C VAL E 99 -12.61 21.59 -4.76
N SER E 100 -12.67 22.87 -4.38
CA SER E 100 -13.50 23.83 -5.08
C SER E 100 -12.65 24.98 -5.62
N UNK F 1 -36.40 -7.84 6.74
CA UNK F 1 -35.46 -8.83 7.25
C UNK F 1 -34.30 -9.03 6.27
N UNK F 2 -33.07 -8.88 6.76
CA UNK F 2 -31.90 -9.24 5.98
C UNK F 2 -30.80 -9.71 6.93
N UNK F 3 -29.96 -10.60 6.44
CA UNK F 3 -28.84 -11.10 7.24
C UNK F 3 -27.69 -11.50 6.32
N UNK F 4 -26.51 -10.95 6.58
CA UNK F 4 -25.30 -11.34 5.89
C UNK F 4 -24.39 -12.12 6.85
N UNK F 5 -23.83 -13.21 6.37
CA UNK F 5 -22.94 -14.05 7.18
C UNK F 5 -21.64 -14.28 6.43
N UNK F 6 -20.52 -14.11 7.12
CA UNK F 6 -19.21 -14.42 6.59
C UNK F 6 -18.43 -15.25 7.60
N UNK F 7 -17.76 -16.29 7.11
CA UNK F 7 -16.99 -17.17 7.97
C UNK F 7 -15.64 -17.46 7.32
N UNK F 8 -14.58 -17.43 8.13
CA UNK F 8 -13.24 -17.80 7.69
C UNK F 8 -12.62 -18.72 8.73
N UNK F 9 -11.96 -19.77 8.26
CA UNK F 9 -11.37 -20.77 9.14
C UNK F 9 -9.95 -21.13 8.70
N GLY G 26 23.62 -15.71 3.07
CA GLY G 26 23.92 -14.42 2.48
C GLY G 26 23.05 -13.29 2.99
N ASN G 27 23.55 -12.07 2.85
CA ASN G 27 22.90 -10.91 3.45
C ASN G 27 21.63 -10.55 2.69
N TRP G 28 20.74 -9.84 3.37
CA TRP G 28 19.40 -9.57 2.86
C TRP G 28 19.04 -8.11 3.10
N VAL G 29 18.45 -7.48 2.09
CA VAL G 29 17.75 -6.22 2.23
C VAL G 29 16.28 -6.44 1.90
N CYS G 30 15.39 -6.02 2.80
CA CYS G 30 13.96 -6.24 2.61
C CYS G 30 13.19 -4.97 2.90
N ALA G 31 12.26 -4.62 2.01
CA ALA G 31 11.33 -3.52 2.19
C ALA G 31 12.01 -2.19 2.55
N ALA G 32 13.30 -2.05 2.29
CA ALA G 32 13.98 -0.81 2.63
C ALA G 32 13.66 0.26 1.60
N LYS G 33 13.34 1.46 2.07
CA LYS G 33 13.15 2.62 1.22
C LYS G 33 14.41 3.49 1.26
N PHE G 34 15.01 3.71 0.10
CA PHE G 34 16.18 4.58 -0.04
C PHE G 34 15.81 5.81 -0.87
N GLU G 35 16.18 6.98 -0.38
CA GLU G 35 16.08 8.21 -1.16
C GLU G 35 17.38 9.01 -1.02
N SER G 36 17.84 9.55 -2.13
CA SER G 36 18.96 10.49 -2.14
C SER G 36 18.64 11.69 -3.03
N ASN G 37 18.97 12.89 -2.57
CA ASN G 37 18.83 14.10 -3.36
C ASN G 37 20.13 14.87 -3.31
N PHE G 38 20.61 15.30 -4.48
CA PHE G 38 21.90 15.97 -4.59
C PHE G 38 21.77 17.19 -5.48
N ASN G 39 22.32 18.32 -5.03
CA ASN G 39 22.29 19.59 -5.77
C ASN G 39 20.88 20.01 -6.17
N THR G 40 19.87 19.42 -5.55
CA THR G 40 18.49 19.70 -5.92
C THR G 40 18.16 21.18 -5.71
N GLN G 41 17.38 21.75 -6.64
CA GLN G 41 16.92 23.12 -6.52
C GLN G 41 15.40 23.18 -6.70
N ALA G 42 14.83 24.29 -6.25
CA ALA G 42 13.45 24.71 -6.52
C ALA G 42 12.49 23.54 -6.62
N THR G 43 12.31 22.81 -5.53
CA THR G 43 11.60 21.54 -5.54
C THR G 43 10.41 21.57 -4.59
N ASN G 44 9.25 21.15 -5.08
CA ASN G 44 8.11 20.87 -4.23
C ASN G 44 7.88 19.37 -4.25
N ARG G 45 7.63 18.79 -3.09
CA ARG G 45 7.03 17.47 -2.99
C ARG G 45 5.77 17.52 -2.14
N ASN G 46 4.68 17.02 -2.68
CA ASN G 46 3.40 16.97 -1.99
C ASN G 46 2.92 15.53 -1.94
N THR G 47 2.10 15.22 -0.94
CA THR G 47 1.68 13.83 -0.72
C THR G 47 0.43 13.84 0.15
N ASP G 48 -0.70 13.47 -0.43
CA ASP G 48 -1.95 13.32 0.29
C ASP G 48 -2.36 11.84 0.33
N GLY G 49 -2.51 11.29 1.53
CA GLY G 49 -3.12 9.99 1.68
C GLY G 49 -2.38 8.83 1.04
N SER G 50 -1.11 8.98 0.71
CA SER G 50 -0.35 7.86 0.20
C SER G 50 -0.03 6.86 1.31
N THR G 51 0.36 5.66 0.91
CA THR G 51 0.79 4.63 1.85
C THR G 51 1.97 3.90 1.25
N ASP G 52 2.93 3.52 2.10
CA ASP G 52 3.93 2.53 1.74
C ASP G 52 3.94 1.39 2.76
N TYR G 53 4.13 0.17 2.25
CA TYR G 53 4.30 -1.01 3.10
C TYR G 53 3.14 -1.18 4.09
N GLY G 54 1.93 -0.93 3.60
CA GLY G 54 0.80 -0.75 4.52
C GLY G 54 0.62 -1.88 5.51
N ILE G 55 0.71 -3.12 5.05
CA ILE G 55 0.83 -4.28 5.92
C ILE G 55 2.02 -5.11 5.48
N LEU G 56 2.91 -5.40 6.42
CA LEU G 56 4.11 -6.17 6.13
C LEU G 56 4.24 -7.29 7.15
N GLN G 57 4.46 -8.52 6.67
CA GLN G 57 4.53 -9.68 7.53
C GLN G 57 5.66 -10.58 7.04
N ILE G 58 6.53 -11.00 7.95
CA ILE G 58 7.70 -11.79 7.60
C ILE G 58 7.82 -12.93 8.60
N ASN G 59 8.17 -14.11 8.11
CA ASN G 59 8.75 -15.18 8.92
C ASN G 59 10.13 -15.51 8.38
N SER G 60 11.04 -15.84 9.28
CA SER G 60 12.44 -16.01 8.89
C SER G 60 13.12 -16.97 9.85
N ARG G 61 13.76 -17.99 9.30
CA ARG G 61 14.55 -18.92 10.08
C ARG G 61 15.91 -19.09 9.40
N TRP G 62 16.96 -19.11 10.21
CA TRP G 62 18.32 -19.24 9.69
C TRP G 62 19.10 -20.24 10.52
N TRP G 63 19.88 -21.08 9.84
CA TRP G 63 20.76 -22.06 10.46
C TRP G 63 20.03 -23.02 11.40
N CYS G 64 18.70 -23.08 11.33
CA CYS G 64 17.92 -23.76 12.35
C CYS G 64 17.83 -25.25 12.06
N ASN G 65 17.91 -26.05 13.11
CA ASN G 65 17.60 -27.48 13.07
C ASN G 65 16.25 -27.72 13.72
N ASP G 66 15.28 -28.15 12.92
CA ASP G 66 13.89 -28.20 13.37
C ASP G 66 13.65 -29.44 14.21
N PRO G 70 6.48 -26.27 15.34
CA PRO G 70 5.06 -25.92 15.28
C PRO G 70 4.81 -24.63 14.51
N GLY G 71 5.89 -23.96 14.11
CA GLY G 71 5.82 -22.93 13.11
C GLY G 71 5.32 -21.58 13.60
N SER G 72 6.11 -20.54 13.33
CA SER G 72 5.70 -19.17 13.58
C SER G 72 4.52 -18.77 12.70
N ARG G 73 3.63 -17.95 13.24
CA ARG G 73 2.44 -17.52 12.53
C ARG G 73 2.27 -16.02 12.70
N ASN G 74 1.84 -15.36 11.63
CA ASN G 74 1.33 -13.99 11.67
C ASN G 74 -0.11 -13.98 11.17
N LEU G 75 -0.98 -13.29 11.90
CA LEU G 75 -2.31 -12.98 11.40
C LEU G 75 -2.52 -11.48 11.42
N CYS G 76 -3.44 -11.01 10.57
CA CYS G 76 -3.82 -9.61 10.54
C CYS G 76 -5.24 -9.52 10.02
N ASN G 77 -6.16 -9.06 10.86
CA ASN G 77 -7.56 -8.90 10.50
C ASN G 77 -7.90 -7.42 10.50
N ILE G 78 -8.47 -6.95 9.39
CA ILE G 78 -9.10 -5.63 9.39
C ILE G 78 -10.57 -5.79 9.00
N PRO G 79 -11.43 -6.25 9.90
CA PRO G 79 -12.87 -6.31 9.59
C PRO G 79 -13.52 -4.95 9.73
N CYS G 80 -14.31 -4.55 8.73
CA CYS G 80 -15.32 -3.53 8.89
C CYS G 80 -16.70 -4.16 8.78
N SER G 81 -17.54 -3.94 9.80
CA SER G 81 -18.97 -4.21 9.71
C SER G 81 -19.73 -2.90 9.85
N ALA G 82 -20.57 -2.59 8.87
CA ALA G 82 -21.41 -1.40 8.91
C ALA G 82 -22.84 -1.80 8.57
N LEU G 83 -23.80 -1.40 9.40
CA LEU G 83 -25.18 -1.76 9.19
C LEU G 83 -26.06 -0.54 9.33
N LEU G 84 -26.93 -0.30 8.34
CA LEU G 84 -27.73 0.92 8.27
C LEU G 84 -26.89 2.18 8.41
N SER G 85 -25.64 2.15 7.98
CA SER G 85 -24.66 3.11 8.45
C SER G 85 -23.89 3.71 7.27
N SER G 86 -23.18 4.80 7.55
CA SER G 86 -22.63 5.66 6.51
C SER G 86 -21.19 6.08 6.79
N ASP G 87 -20.39 6.14 5.72
CA ASP G 87 -19.06 6.74 5.72
C ASP G 87 -18.09 6.09 6.71
N ILE G 88 -18.29 4.83 7.02
CA ILE G 88 -17.40 4.13 7.92
C ILE G 88 -16.13 3.74 7.19
N THR G 89 -15.02 3.66 7.93
CA THR G 89 -13.77 3.14 7.38
C THR G 89 -13.09 2.29 8.44
N ALA G 90 -12.59 1.13 8.02
CA ALA G 90 -11.55 0.39 8.74
C ALA G 90 -10.34 0.31 7.84
N SER G 91 -9.22 0.89 8.26
CA SER G 91 -8.10 1.00 7.34
C SER G 91 -6.80 1.20 8.09
N VAL G 92 -5.69 0.91 7.42
CA VAL G 92 -4.39 1.33 7.93
C VAL G 92 -4.28 2.84 7.87
N ASN G 93 -4.69 3.44 6.76
CA ASN G 93 -4.65 4.89 6.58
C ASN G 93 -6.01 5.39 6.16
N CYS G 94 -6.35 6.59 6.60
CA CYS G 94 -7.60 7.23 6.20
C CYS G 94 -7.38 8.73 6.19
N ALA G 95 -7.57 9.36 5.02
CA ALA G 95 -7.43 10.80 4.91
C ALA G 95 -8.67 11.37 4.24
N LYS G 96 -9.27 12.36 4.88
CA LYS G 96 -10.43 13.07 4.35
C LYS G 96 -10.07 14.55 4.33
N LYS G 97 -10.18 15.19 3.17
CA LYS G 97 -9.70 16.55 3.00
C LYS G 97 -10.68 17.35 2.17
N ILE G 98 -10.93 18.57 2.61
CA ILE G 98 -11.84 19.49 1.91
C ILE G 98 -11.10 20.82 1.73
N VAL G 99 -11.16 21.36 0.52
CA VAL G 99 -10.48 22.60 0.18
C VAL G 99 -11.46 23.48 -0.59
N SER G 100 -11.53 24.75 -0.20
CA SER G 100 -12.39 25.71 -0.90
C SER G 100 -11.58 26.90 -1.41
N UNK H 1 -35.80 -4.68 10.36
CA UNK H 1 -34.99 -5.58 11.19
C UNK H 1 -33.90 -6.25 10.37
N UNK H 2 -32.68 -6.28 10.91
CA UNK H 2 -31.56 -6.90 10.22
C UNK H 2 -30.53 -7.35 11.24
N UNK H 3 -29.70 -8.31 10.84
CA UNK H 3 -28.63 -8.81 11.69
C UNK H 3 -27.48 -9.28 10.84
N UNK H 4 -26.29 -8.74 11.09
CA UNK H 4 -25.09 -9.12 10.36
C UNK H 4 -24.17 -9.93 11.28
N UNK H 5 -23.53 -10.95 10.71
CA UNK H 5 -22.67 -11.84 11.47
C UNK H 5 -21.34 -12.02 10.74
N UNK H 6 -20.26 -11.94 11.50
CA UNK H 6 -18.92 -12.22 10.99
C UNK H 6 -18.19 -13.12 11.98
N UNK H 7 -17.47 -14.11 11.46
CA UNK H 7 -16.75 -15.05 12.31
C UNK H 7 -15.38 -15.32 11.72
N UNK H 8 -14.38 -15.45 12.59
CA UNK H 8 -13.04 -15.81 12.21
C UNK H 8 -12.48 -16.79 13.22
N UNK H 9 -11.73 -17.78 12.74
CA UNK H 9 -11.18 -18.81 13.61
C UNK H 9 -9.76 -19.19 13.18
N GLY I 26 24.12 -14.33 7.92
CA GLY I 26 24.43 -13.07 7.26
C GLY I 26 23.52 -11.94 7.69
N ASN I 27 23.99 -10.70 7.50
CA ASN I 27 23.32 -9.54 8.05
C ASN I 27 22.03 -9.25 7.28
N TRP I 28 21.15 -8.50 7.94
CA TRP I 28 19.82 -8.23 7.42
C TRP I 28 19.48 -6.76 7.60
N VAL I 29 18.88 -6.16 6.57
CA VAL I 29 18.18 -4.89 6.69
C VAL I 29 16.72 -5.10 6.38
N CYS I 30 15.84 -4.64 7.28
CA CYS I 30 14.41 -4.79 7.09
C CYS I 30 13.70 -3.48 7.41
N ALA I 31 12.78 -3.09 6.53
CA ALA I 31 11.90 -1.94 6.74
C ALA I 31 12.64 -0.65 7.09
N ALA I 32 13.94 -0.56 6.81
CA ALA I 32 14.67 0.66 7.13
C ALA I 32 14.36 1.73 6.09
N LYS I 33 14.06 2.93 6.56
CA LYS I 33 13.89 4.10 5.71
C LYS I 33 15.17 4.95 5.75
N PHE I 34 15.81 5.11 4.61
CA PHE I 34 16.98 5.97 4.48
C PHE I 34 16.67 7.19 3.63
N GLU I 35 17.08 8.36 4.09
CA GLU I 35 17.00 9.59 3.30
C GLU I 35 18.31 10.34 3.42
N SER I 36 18.78 10.90 2.31
CA SER I 36 19.91 11.82 2.30
C SER I 36 19.61 13.02 1.43
N ASN I 37 19.96 14.21 1.92
CA ASN I 37 19.83 15.45 1.16
C ASN I 37 21.16 16.17 1.18
N PHE I 38 21.63 16.59 0.00
CA PHE I 38 22.95 17.22 -0.13
C PHE I 38 22.83 18.44 -1.02
N ASN I 39 23.36 19.57 -0.55
CA ASN I 39 23.36 20.84 -1.28
C ASN I 39 21.97 21.29 -1.70
N THR I 40 20.93 20.68 -1.15
CA THR I 40 19.55 21.02 -1.50
C THR I 40 19.27 22.50 -1.26
N GLN I 41 18.52 23.11 -2.17
CA GLN I 41 18.08 24.49 -2.02
C GLN I 41 16.58 24.60 -2.27
N ALA I 42 16.02 25.72 -1.82
CA ALA I 42 14.66 26.18 -2.16
C ALA I 42 13.66 25.04 -2.22
N THR I 43 13.53 24.32 -1.11
CA THR I 43 12.81 23.06 -1.06
C THR I 43 11.62 23.15 -0.14
N ASN I 44 10.46 22.74 -0.63
CA ASN I 44 9.29 22.48 0.20
C ASN I 44 9.03 20.99 0.18
N ARG I 45 8.74 20.41 1.34
CA ARG I 45 8.13 19.10 1.42
C ARG I 45 6.87 19.16 2.27
N ASN I 46 5.77 18.67 1.71
CA ASN I 46 4.48 18.68 2.37
C ASN I 46 3.93 17.27 2.41
N THR I 47 3.12 16.98 3.41
CA THR I 47 2.65 15.61 3.63
C THR I 47 1.40 15.67 4.51
N ASP I 48 0.25 15.32 3.94
CA ASP I 48 -0.99 15.18 4.69
C ASP I 48 -1.42 13.71 4.69
N GLY I 49 -1.57 13.15 5.88
CA GLY I 49 -2.20 11.85 6.02
C GLY I 49 -1.51 10.69 5.34
N SER I 50 -0.23 10.81 5.03
CA SER I 50 0.50 9.66 4.52
C SER I 50 0.79 8.67 5.65
N THR I 51 1.19 7.46 5.26
CA THR I 51 1.59 6.42 6.19
C THR I 51 2.75 5.66 5.58
N ASP I 52 3.70 5.25 6.42
CA ASP I 52 4.66 4.22 6.07
C ASP I 52 4.66 3.11 7.10
N TYR I 53 4.84 1.87 6.64
CA TYR I 53 4.99 0.72 7.52
C TYR I 53 3.83 0.58 8.51
N GLY I 54 2.61 0.87 8.04
CA GLY I 54 1.49 1.04 8.94
C GLY I 54 1.32 -0.09 9.94
N ILE I 55 1.34 -1.33 9.47
CA ILE I 55 1.40 -2.50 10.34
C ILE I 55 2.58 -3.37 9.93
N LEU I 56 3.46 -3.68 10.87
CA LEU I 56 4.64 -4.47 10.59
C LEU I 56 4.73 -5.61 11.60
N GLN I 57 4.88 -6.84 11.11
CA GLN I 57 4.93 -8.03 11.95
C GLN I 57 6.10 -8.89 11.51
N ILE I 58 6.93 -9.32 12.45
CA ILE I 58 8.10 -10.15 12.16
C ILE I 58 8.15 -11.30 13.16
N ASN I 59 8.50 -12.48 12.68
CA ASN I 59 9.05 -13.55 13.49
C ASN I 59 10.42 -13.93 12.94
N SER I 60 11.34 -14.29 13.84
CA SER I 60 12.72 -14.52 13.42
C SER I 60 13.38 -15.46 14.41
N ARG I 61 14.01 -16.51 13.89
CA ARG I 61 14.80 -17.43 14.70
C ARG I 61 16.15 -17.62 14.03
N TRP I 62 17.20 -17.68 14.84
CA TRP I 62 18.56 -17.82 14.35
C TRP I 62 19.32 -18.87 15.16
N TRP I 63 20.12 -19.67 14.47
CA TRP I 63 21.00 -20.66 15.09
C TRP I 63 20.27 -21.63 16.01
N CYS I 64 18.97 -21.79 15.86
CA CYS I 64 18.15 -22.40 16.91
C CYS I 64 17.97 -23.89 16.66
N ASN I 65 18.07 -24.67 17.73
CA ASN I 65 17.72 -26.08 17.71
C ASN I 65 16.35 -26.26 18.34
N ASP I 66 15.36 -26.62 17.52
CA ASP I 66 13.97 -26.62 17.96
C ASP I 66 13.70 -27.86 18.81
N PRO I 70 6.49 -24.51 20.02
CA PRO I 70 5.07 -24.14 19.92
C PRO I 70 4.87 -22.85 19.11
N GLY I 71 5.97 -22.23 18.72
CA GLY I 71 5.97 -21.22 17.68
C GLY I 71 5.45 -19.86 18.10
N SER I 72 6.24 -18.83 17.83
CA SER I 72 5.83 -17.47 18.09
C SER I 72 4.66 -17.06 17.20
N ARG I 73 3.77 -16.23 17.75
CA ARG I 73 2.57 -15.82 17.02
C ARG I 73 2.41 -14.31 17.20
N ASN I 74 2.00 -13.64 16.13
CA ASN I 74 1.54 -12.26 16.17
C ASN I 74 0.10 -12.20 15.68
N LEU I 75 -0.75 -11.50 16.42
CA LEU I 75 -2.08 -11.15 15.95
C LEU I 75 -2.19 -9.63 15.85
N CYS I 76 -3.08 -9.18 14.97
CA CYS I 76 -3.40 -7.75 14.89
C CYS I 76 -4.81 -7.61 14.37
N ASN I 77 -5.72 -7.16 15.22
CA ASN I 77 -7.12 -6.96 14.86
C ASN I 77 -7.42 -5.47 14.88
N ILE I 78 -7.96 -4.96 13.78
CA ILE I 78 -8.57 -3.63 13.80
C ILE I 78 -10.04 -3.75 13.42
N PRO I 79 -10.91 -4.19 14.32
CA PRO I 79 -12.34 -4.23 13.99
C PRO I 79 -12.96 -2.85 14.08
N CYS I 80 -13.74 -2.48 13.07
CA CYS I 80 -14.74 -1.43 13.20
C CYS I 80 -16.12 -2.05 13.07
N SER I 81 -16.96 -1.85 14.08
CA SER I 81 -18.40 -2.09 13.97
C SER I 81 -19.15 -0.79 14.15
N ALA I 82 -20.01 -0.46 13.19
CA ALA I 82 -20.84 0.73 13.26
C ALA I 82 -22.26 0.35 12.92
N LEU I 83 -23.22 0.81 13.73
CA LEU I 83 -24.62 0.49 13.51
C LEU I 83 -25.46 1.76 13.62
N LEU I 84 -26.29 2.01 12.59
CA LEU I 84 -27.06 3.24 12.50
C LEU I 84 -26.19 4.48 12.66
N SER I 85 -24.93 4.41 12.25
CA SER I 85 -23.92 5.34 12.74
C SER I 85 -23.15 5.93 11.57
N SER I 86 -22.41 7.02 11.84
CA SER I 86 -21.84 7.86 10.81
C SER I 86 -20.39 8.22 11.06
N ASP I 87 -19.61 8.26 9.99
CA ASP I 87 -18.25 8.80 9.95
C ASP I 87 -17.32 8.16 10.98
N ILE I 88 -17.55 6.92 11.33
CA ILE I 88 -16.66 6.21 12.24
C ILE I 88 -15.39 5.80 11.49
N THR I 89 -14.27 5.75 12.21
CA THR I 89 -13.05 5.18 11.67
C THR I 89 -12.37 4.36 12.75
N ALA I 90 -11.88 3.18 12.37
CA ALA I 90 -10.87 2.45 13.13
C ALA I 90 -9.62 2.33 12.27
N SER I 91 -8.51 2.90 12.71
CA SER I 91 -7.36 2.96 11.82
C SER I 91 -6.08 3.18 12.60
N VAL I 92 -4.96 2.86 11.95
CA VAL I 92 -3.65 3.29 12.44
C VAL I 92 -3.53 4.80 12.32
N ASN I 93 -3.94 5.35 11.18
CA ASN I 93 -3.88 6.79 10.95
C ASN I 93 -5.24 7.28 10.48
N CYS I 94 -5.60 8.48 10.91
CA CYS I 94 -6.84 9.12 10.50
C CYS I 94 -6.61 10.62 10.52
N ALA I 95 -6.73 11.28 9.37
CA ALA I 95 -6.57 12.72 9.31
C ALA I 95 -7.77 13.33 8.61
N LYS I 96 -8.36 14.34 9.25
CA LYS I 96 -9.48 15.08 8.71
C LYS I 96 -9.10 16.55 8.66
N LYS I 97 -9.21 17.16 7.48
CA LYS I 97 -8.68 18.50 7.28
C LYS I 97 -9.66 19.31 6.44
N ILE I 98 -9.88 20.56 6.85
CA ILE I 98 -10.75 21.48 6.14
C ILE I 98 -9.99 22.79 5.99
N VAL I 99 -10.00 23.35 4.79
CA VAL I 99 -9.29 24.59 4.48
C VAL I 99 -10.21 25.50 3.70
N SER I 100 -10.28 26.76 4.09
CA SER I 100 -11.04 27.76 3.36
C SER I 100 -10.16 28.92 2.92
N UNK J 1 -35.32 -2.68 15.32
CA UNK J 1 -34.42 -3.64 15.94
C UNK J 1 -33.32 -4.07 14.97
N UNK J 2 -32.07 -4.00 15.42
CA UNK J 2 -30.95 -4.52 14.66
C UNK J 2 -29.86 -4.98 15.61
N UNK J 3 -29.05 -5.93 15.17
CA UNK J 3 -27.97 -6.46 15.99
C UNK J 3 -26.85 -6.94 15.09
N UNK J 4 -25.65 -6.42 15.31
CA UNK J 4 -24.45 -6.85 14.60
C UNK J 4 -23.56 -7.66 15.54
N UNK J 5 -23.02 -8.76 15.03
CA UNK J 5 -22.15 -9.63 15.82
C UNK J 5 -20.89 -9.93 15.04
N UNK J 6 -19.74 -9.80 15.70
CA UNK J 6 -18.45 -10.19 15.16
C UNK J 6 -17.69 -10.98 16.20
N UNK J 7 -17.06 -12.07 15.76
CA UNK J 7 -16.30 -12.93 16.67
C UNK J 7 -15.01 -13.35 16.01
N UNK J 8 -13.94 -13.43 16.81
CA UNK J 8 -12.66 -13.94 16.36
C UNK J 8 -12.08 -14.85 17.44
N UNK J 9 -11.39 -15.90 17.01
CA UNK J 9 -10.83 -16.87 17.94
C UNK J 9 -9.41 -17.28 17.53
N UNK K 1 -1.72 20.97 -15.08
CA UNK K 1 -0.27 21.14 -15.02
C UNK K 1 0.22 22.04 -16.13
N UNK K 2 1.41 22.62 -15.95
CA UNK K 2 2.09 23.32 -17.03
C UNK K 2 3.59 23.31 -16.75
N UNK K 3 4.37 23.35 -17.82
CA UNK K 3 5.81 23.48 -17.71
C UNK K 3 6.32 24.34 -18.85
N UNK K 4 7.33 25.16 -18.59
CA UNK K 4 7.83 26.12 -19.57
C UNK K 4 9.33 26.25 -19.43
N UNK K 5 10.06 25.89 -20.47
CA UNK K 5 11.46 26.26 -20.58
C UNK K 5 11.59 27.54 -21.39
N UNK K 6 12.79 28.12 -21.36
CA UNK K 6 13.10 29.30 -22.17
C UNK K 6 14.60 29.46 -22.26
N UNK K 7 15.04 30.30 -23.19
CA UNK K 7 16.44 30.67 -23.32
C UNK K 7 16.52 32.00 -24.06
N UNK K 8 17.73 32.53 -24.17
CA UNK K 8 17.97 33.72 -24.97
C UNK K 8 19.40 33.74 -25.50
N UNK L 1 -0.54 22.75 -10.63
CA UNK L 1 0.91 22.83 -10.60
C UNK L 1 1.44 23.65 -11.77
N UNK L 2 2.61 24.25 -11.59
CA UNK L 2 3.29 24.93 -12.68
C UNK L 2 4.79 24.89 -12.43
N UNK L 3 5.56 24.88 -13.50
CA UNK L 3 7.01 24.95 -13.41
C UNK L 3 7.54 25.80 -14.55
N UNK L 4 8.57 26.59 -14.27
CA UNK L 4 9.11 27.52 -15.25
C UNK L 4 10.61 27.66 -15.05
N UNK L 5 11.39 27.26 -16.04
CA UNK L 5 12.79 27.64 -16.11
C UNK L 5 12.95 28.87 -17.00
N UNK L 6 14.14 29.46 -16.95
CA UNK L 6 14.44 30.61 -17.79
C UNK L 6 15.94 30.77 -17.89
N UNK L 7 16.37 31.65 -18.80
CA UNK L 7 17.76 32.07 -18.91
C UNK L 7 17.80 33.38 -19.65
N UNK L 8 18.97 34.03 -19.62
CA UNK L 8 19.20 35.24 -20.39
C UNK L 8 20.67 35.39 -20.74
N UNK M 1 0.68 24.54 -6.24
CA UNK M 1 2.13 24.59 -6.20
C UNK M 1 2.68 25.31 -7.42
N UNK M 2 3.84 25.95 -7.28
CA UNK M 2 4.57 26.49 -8.40
C UNK M 2 6.06 26.46 -8.09
N UNK M 3 6.88 26.32 -9.13
CA UNK M 3 8.32 26.41 -8.99
C UNK M 3 8.88 27.20 -10.16
N UNK M 4 9.79 28.12 -9.86
CA UNK M 4 10.35 29.01 -10.88
C UNK M 4 11.84 29.16 -10.63
N UNK M 5 12.66 28.73 -11.60
CA UNK M 5 14.07 29.05 -11.61
C UNK M 5 14.32 30.20 -12.59
N UNK M 6 15.38 30.96 -12.34
CA UNK M 6 15.75 32.04 -13.23
C UNK M 6 17.26 32.21 -13.23
N UNK M 7 17.78 32.76 -14.33
CA UNK M 7 19.20 33.08 -14.42
C UNK M 7 19.36 34.29 -15.33
N UNK M 8 20.43 35.04 -15.12
CA UNK M 8 20.76 36.15 -15.99
C UNK M 8 22.28 36.35 -16.10
N UNK N 1 1.83 26.06 -2.13
CA UNK N 1 3.28 26.16 -1.99
C UNK N 1 3.88 26.95 -3.14
N UNK N 2 5.11 27.44 -2.96
CA UNK N 2 5.86 28.05 -4.05
C UNK N 2 7.34 27.97 -3.72
N UNK N 3 8.16 27.95 -4.76
CA UNK N 3 9.61 28.01 -4.61
C UNK N 3 10.19 28.81 -5.76
N UNK N 4 11.21 29.61 -5.47
CA UNK N 4 11.78 30.51 -6.46
C UNK N 4 13.29 30.59 -6.27
N UNK N 5 14.04 30.15 -7.27
CA UNK N 5 15.46 30.43 -7.33
C UNK N 5 15.70 31.66 -8.21
N UNK N 6 16.92 32.17 -8.17
CA UNK N 6 17.31 33.30 -9.01
C UNK N 6 18.83 33.36 -9.07
N UNK N 7 19.31 34.17 -10.01
CA UNK N 7 20.74 34.47 -10.12
C UNK N 7 20.88 35.82 -10.82
N UNK N 8 22.13 36.25 -10.99
CA UNK N 8 22.42 37.49 -11.69
C UNK N 8 23.78 37.44 -12.35
N UNK O 1 3.14 27.80 2.25
CA UNK O 1 4.60 27.83 2.34
C UNK O 1 5.19 28.64 1.19
N UNK O 2 6.42 29.12 1.38
CA UNK O 2 7.17 29.77 0.32
C UNK O 2 8.65 29.61 0.60
N UNK O 3 9.44 29.52 -0.46
CA UNK O 3 10.89 29.50 -0.33
C UNK O 3 11.51 30.29 -1.47
N UNK O 4 12.57 31.02 -1.16
CA UNK O 4 13.19 31.92 -2.14
C UNK O 4 14.69 31.94 -1.90
N UNK O 5 15.45 31.49 -2.88
CA UNK O 5 16.88 31.79 -2.95
C UNK O 5 17.11 33.01 -3.83
N UNK O 6 18.33 33.54 -3.78
CA UNK O 6 18.69 34.68 -4.63
C UNK O 6 20.21 34.75 -4.71
N UNK O 7 20.68 35.64 -5.58
CA UNK O 7 22.09 36.00 -5.66
C UNK O 7 22.21 37.31 -6.40
N UNK O 8 23.42 37.87 -6.41
CA UNK O 8 23.69 39.10 -7.12
C UNK O 8 25.15 39.20 -7.52
#